data_4AYW
#
_entry.id   4AYW
#
_cell.length_a   101.700
_cell.length_b   101.700
_cell.length_c   294.730
_cell.angle_alpha   90.00
_cell.angle_beta   90.00
_cell.angle_gamma   120.00
#
_symmetry.space_group_name_H-M   'P 62 2 2'
#
loop_
_entity.id
_entity.type
_entity.pdbx_description
1 polymer 'ATP-BINDING CASSETTE SUB-FAMILY B MEMBER 10'
2 non-polymer 'PHOSPHOAMINOPHOSPHONIC ACID-ADENYLATE ESTER'
3 non-polymer DODECYL-BETA-D-MALTOSIDE
4 non-polymer 'CHOLESTEROL HEMISUCCINATE'
#
_entity_poly.entity_id   1
_entity_poly.type   'polypeptide(L)'
_entity_poly.pdbx_seq_one_letter_code
;SMRGPPAWAGDEAWRRGPAAPPGDKGRLRPAAAGLPEARKLLGLAYPERRRLAAAVGFLTMSSVISMSAPFFLGKIIDVI
YTNPTVDYSDNLTRLCLGLSAVFLCGAAANAIRVYLMQTSGQRIVNRLRTSLFSSILRQEVAFFDKTRTGELINRLSSDT
ALLGRSVTENLSDGLRAGAQASVGISMMFFVSPNLATFVLSVVPPVSIIAVIYGRYLRKLTKVTQDSLAQATQLAEERIG
NVRTVRAFGKEMTEIEKYASKVDHVMQLARKEAFARAGFFGATGLSGNLIVLSVLYKGGLLMGSAHMTVGELSSFLMYAF
WVGISIGGLSSFYSELMKGLGAGGRLWELLEREPKLPFNEGVILNEKSFQGALEFKNVHFAYPARPEVPIFQDFSLSIPS
GSVTALVGPSGSGKSTVLSLLLRLYDPASGTISLDGHDIRQLNPVWLRSKIGTVSQEPILFSCSIAENIAYGADDPSSVT
AEEIQRVAEVANAVAFIRNFPQGFNTVVGEKGVLLSGGQKQRIAIARALLKNPKILLLDEATSALDAENEYLVQEALDRL
MDGRTVLVIAHHLSTIKNANMVAVLDQGKITEYGKHEELLSKPNGIYRKLMNKQSFISA
;
_entity_poly.pdbx_strand_id   A
#
loop_
_chem_comp.id
_chem_comp.type
_chem_comp.name
_chem_comp.formula
ANP non-polymer 'PHOSPHOAMINOPHOSPHONIC ACID-ADENYLATE ESTER' 'C10 H17 N6 O12 P3'
LMT D-saccharide DODECYL-BETA-D-MALTOSIDE 'C24 H46 O11'
Y01 non-polymer 'CHOLESTEROL HEMISUCCINATE' 'C31 H50 O4'
#
# COMPACT_ATOMS: atom_id res chain seq x y z
N LEU A 35 -23.66 3.59 -5.79
CA LEU A 35 -23.95 5.02 -5.81
C LEU A 35 -23.25 5.76 -4.63
N PRO A 36 -23.29 5.30 -3.34
CA PRO A 36 -22.59 6.05 -2.28
C PRO A 36 -21.06 6.01 -2.45
N GLU A 37 -20.55 4.88 -2.99
CA GLU A 37 -19.12 4.68 -3.27
C GLU A 37 -18.74 5.43 -4.55
N ALA A 38 -19.72 5.64 -5.46
CA ALA A 38 -19.55 6.36 -6.73
C ALA A 38 -19.36 7.85 -6.48
N ARG A 39 -19.93 8.40 -5.38
CA ARG A 39 -19.79 9.81 -4.97
C ARG A 39 -18.35 10.06 -4.51
N LYS A 40 -17.73 9.05 -3.89
CA LYS A 40 -16.34 9.07 -3.41
C LYS A 40 -15.37 9.03 -4.60
N LEU A 41 -15.72 8.25 -5.66
CA LEU A 41 -14.93 8.14 -6.89
C LEU A 41 -15.09 9.38 -7.77
N LEU A 42 -16.26 10.05 -7.72
CA LEU A 42 -16.55 11.28 -8.47
C LEU A 42 -15.75 12.46 -7.90
N GLY A 43 -15.71 12.55 -6.57
CA GLY A 43 -14.96 13.58 -5.85
C GLY A 43 -13.46 13.43 -5.98
N LEU A 44 -13.01 12.18 -6.20
CA LEU A 44 -11.60 11.81 -6.38
C LEU A 44 -11.10 12.24 -7.76
N ALA A 45 -11.98 12.17 -8.78
CA ALA A 45 -11.68 12.55 -10.16
C ALA A 45 -11.95 14.04 -10.40
N TYR A 46 -12.71 14.68 -9.48
CA TYR A 46 -13.11 16.10 -9.54
C TYR A 46 -11.92 17.08 -9.70
N PRO A 47 -10.75 16.98 -9.00
CA PRO A 47 -9.69 17.98 -9.25
C PRO A 47 -9.11 17.93 -10.66
N GLU A 48 -9.31 16.80 -11.36
CA GLU A 48 -8.83 16.59 -12.73
C GLU A 48 -9.98 16.64 -13.74
N ARG A 49 -11.14 17.24 -13.37
CA ARG A 49 -12.34 17.36 -14.22
C ARG A 49 -12.03 18.00 -15.58
N ARG A 50 -11.14 19.01 -15.61
CA ARG A 50 -10.69 19.76 -16.79
C ARG A 50 -9.97 18.87 -17.82
N ARG A 51 -9.07 17.97 -17.35
CA ARG A 51 -8.31 17.06 -18.22
C ARG A 51 -9.19 15.92 -18.68
N LEU A 52 -9.95 15.31 -17.75
CA LEU A 52 -10.83 14.18 -18.03
C LEU A 52 -11.92 14.56 -19.04
N ALA A 53 -12.38 15.84 -19.02
CA ALA A 53 -13.37 16.33 -19.98
C ALA A 53 -12.71 16.50 -21.36
N ALA A 54 -11.44 16.98 -21.38
CA ALA A 54 -10.66 17.16 -22.62
C ALA A 54 -10.34 15.81 -23.24
N ALA A 55 -9.92 14.82 -22.41
CA ALA A 55 -9.60 13.46 -22.82
C ALA A 55 -10.82 12.75 -23.39
N VAL A 56 -12.02 12.99 -22.81
CA VAL A 56 -13.30 12.41 -23.24
C VAL A 56 -13.68 13.02 -24.62
N GLY A 57 -13.37 14.31 -24.81
CA GLY A 57 -13.56 15.00 -26.07
C GLY A 57 -12.70 14.41 -27.16
N PHE A 58 -11.43 14.06 -26.81
CA PHE A 58 -10.48 13.41 -27.71
C PHE A 58 -10.81 11.94 -27.91
N LEU A 59 -11.48 11.31 -26.92
CA LEU A 59 -11.94 9.92 -27.00
C LEU A 59 -13.09 9.84 -27.99
N THR A 60 -13.97 10.87 -28.00
CA THR A 60 -15.13 10.96 -28.89
C THR A 60 -14.63 11.01 -30.35
N MET A 61 -13.68 11.92 -30.65
CA MET A 61 -13.08 12.10 -31.97
C MET A 61 -12.41 10.83 -32.48
N SER A 62 -11.55 10.21 -31.65
CA SER A 62 -10.83 8.98 -31.98
C SER A 62 -11.79 7.83 -32.31
N SER A 63 -12.89 7.70 -31.52
CA SER A 63 -13.90 6.66 -31.71
C SER A 63 -14.74 6.90 -32.97
N VAL A 64 -15.13 8.16 -33.22
CA VAL A 64 -15.93 8.55 -34.40
C VAL A 64 -15.15 8.21 -35.68
N ILE A 65 -13.87 8.63 -35.76
CA ILE A 65 -12.98 8.35 -36.90
C ILE A 65 -12.82 6.82 -37.07
N SER A 66 -12.60 6.10 -35.95
CA SER A 66 -12.42 4.65 -35.90
C SER A 66 -13.63 3.86 -36.42
N MET A 67 -14.85 4.27 -36.04
CA MET A 67 -16.06 3.58 -36.46
C MET A 67 -16.46 3.93 -37.90
N SER A 68 -15.89 5.01 -38.46
CA SER A 68 -16.15 5.43 -39.84
C SER A 68 -15.32 4.59 -40.82
N ALA A 69 -14.12 4.15 -40.38
CA ALA A 69 -13.16 3.37 -41.14
C ALA A 69 -13.78 2.13 -41.84
N PRO A 70 -14.59 1.22 -41.21
CA PRO A 70 -15.13 0.08 -41.96
C PRO A 70 -16.06 0.46 -43.11
N PHE A 71 -16.79 1.59 -42.97
CA PHE A 71 -17.69 2.09 -44.01
C PHE A 71 -16.89 2.55 -45.22
N PHE A 72 -15.81 3.31 -45.01
CA PHE A 72 -14.98 3.83 -46.09
C PHE A 72 -14.09 2.75 -46.70
N LEU A 73 -13.66 1.74 -45.90
CA LEU A 73 -12.86 0.62 -46.39
C LEU A 73 -13.72 -0.21 -47.36
N GLY A 74 -15.01 -0.35 -47.04
CA GLY A 74 -16.00 -1.01 -47.87
C GLY A 74 -16.18 -0.31 -49.20
N LYS A 75 -16.07 1.04 -49.22
CA LYS A 75 -16.18 1.83 -50.45
C LYS A 75 -14.92 1.64 -51.31
N ILE A 76 -13.73 1.50 -50.66
CA ILE A 76 -12.45 1.26 -51.35
C ILE A 76 -12.53 -0.07 -52.11
N ILE A 77 -13.01 -1.13 -51.42
CA ILE A 77 -13.16 -2.49 -51.94
C ILE A 77 -14.11 -2.50 -53.17
N ASP A 78 -15.24 -1.77 -53.10
CA ASP A 78 -16.21 -1.68 -54.19
C ASP A 78 -15.67 -0.89 -55.37
N VAL A 79 -14.86 0.15 -55.10
CA VAL A 79 -14.23 0.98 -56.15
C VAL A 79 -13.36 0.07 -57.04
N ILE A 80 -12.65 -0.89 -56.41
CA ILE A 80 -11.77 -1.86 -57.06
C ILE A 80 -12.55 -3.06 -57.61
N TYR A 81 -13.57 -3.55 -56.88
CA TYR A 81 -14.19 -4.82 -57.24
C TYR A 81 -15.70 -4.87 -57.50
N THR A 82 -16.46 -3.77 -57.44
CA THR A 82 -17.89 -3.87 -57.73
C THR A 82 -18.05 -3.82 -59.25
N ASN A 83 -18.10 -2.63 -59.85
CA ASN A 83 -18.17 -2.48 -61.30
C ASN A 83 -17.08 -1.51 -61.65
N PRO A 84 -15.82 -2.01 -61.71
CA PRO A 84 -14.67 -1.10 -61.90
C PRO A 84 -14.72 -0.36 -63.22
N THR A 85 -14.73 0.96 -63.11
CA THR A 85 -14.74 1.91 -64.21
C THR A 85 -13.28 2.23 -64.56
N VAL A 86 -13.06 3.02 -65.61
CA VAL A 86 -11.70 3.42 -66.00
C VAL A 86 -11.14 4.46 -64.99
N ASP A 87 -12.05 5.19 -64.31
CA ASP A 87 -11.71 6.19 -63.30
C ASP A 87 -11.72 5.58 -61.87
N TYR A 88 -11.52 4.25 -61.76
CA TYR A 88 -11.52 3.58 -60.45
C TYR A 88 -10.24 3.95 -59.69
N SER A 89 -9.08 4.03 -60.38
CA SER A 89 -7.79 4.39 -59.79
C SER A 89 -7.80 5.82 -59.25
N ASP A 90 -8.52 6.74 -59.92
CA ASP A 90 -8.65 8.14 -59.49
C ASP A 90 -9.49 8.26 -58.24
N ASN A 91 -10.57 7.45 -58.12
CA ASN A 91 -11.44 7.42 -56.95
C ASN A 91 -10.71 6.76 -55.78
N LEU A 92 -10.00 5.66 -56.08
CA LEU A 92 -9.21 4.89 -55.12
C LEU A 92 -8.13 5.75 -54.50
N THR A 93 -7.39 6.53 -55.32
CA THR A 93 -6.31 7.41 -54.87
C THR A 93 -6.84 8.46 -53.91
N ARG A 94 -7.96 9.13 -54.23
CA ARG A 94 -8.50 10.14 -53.31
C ARG A 94 -9.17 9.47 -52.09
N LEU A 95 -9.72 8.26 -52.25
CA LEU A 95 -10.35 7.57 -51.12
C LEU A 95 -9.28 7.10 -50.12
N CYS A 96 -8.14 6.60 -50.62
CA CYS A 96 -7.02 6.12 -49.79
C CYS A 96 -6.27 7.28 -49.16
N LEU A 97 -6.00 8.36 -49.94
CA LEU A 97 -5.30 9.55 -49.42
C LEU A 97 -6.18 10.26 -48.39
N GLY A 98 -7.49 10.26 -48.63
CA GLY A 98 -8.48 10.82 -47.73
C GLY A 98 -8.51 10.07 -46.42
N LEU A 99 -8.61 8.73 -46.48
CA LEU A 99 -8.64 7.84 -45.33
C LEU A 99 -7.31 7.90 -44.54
N SER A 100 -6.17 8.13 -45.24
CA SER A 100 -4.85 8.26 -44.61
C SER A 100 -4.82 9.47 -43.68
N ALA A 101 -5.31 10.63 -44.16
CA ALA A 101 -5.40 11.88 -43.41
C ALA A 101 -6.32 11.72 -42.18
N VAL A 102 -7.45 11.00 -42.34
CA VAL A 102 -8.42 10.72 -41.28
C VAL A 102 -7.75 9.82 -40.20
N PHE A 103 -6.95 8.81 -40.65
CA PHE A 103 -6.22 7.89 -39.75
C PHE A 103 -5.14 8.61 -38.95
N LEU A 104 -4.45 9.57 -39.59
CA LEU A 104 -3.41 10.38 -38.98
C LEU A 104 -4.04 11.28 -37.91
N CYS A 105 -5.24 11.81 -38.20
CA CYS A 105 -6.03 12.65 -37.31
C CYS A 105 -6.53 11.82 -36.10
N GLY A 106 -7.03 10.63 -36.39
CA GLY A 106 -7.54 9.67 -35.40
C GLY A 106 -6.48 9.20 -34.43
N ALA A 107 -5.25 8.95 -34.95
CA ALA A 107 -4.10 8.50 -34.17
C ALA A 107 -3.65 9.61 -33.23
N ALA A 108 -3.60 10.87 -33.73
CA ALA A 108 -3.25 12.05 -32.95
C ALA A 108 -4.25 12.27 -31.81
N ALA A 109 -5.57 12.10 -32.11
CA ALA A 109 -6.66 12.24 -31.14
C ALA A 109 -6.59 11.15 -30.07
N ASN A 110 -6.28 9.90 -30.47
CA ASN A 110 -6.14 8.77 -29.56
C ASN A 110 -4.91 8.91 -28.67
N ALA A 111 -3.78 9.36 -29.26
CA ALA A 111 -2.53 9.57 -28.53
C ALA A 111 -2.73 10.60 -27.42
N ILE A 112 -3.40 11.73 -27.75
CA ILE A 112 -3.72 12.82 -26.81
C ILE A 112 -4.61 12.26 -25.69
N ARG A 113 -5.62 11.44 -26.04
CA ARG A 113 -6.54 10.82 -25.07
C ARG A 113 -5.76 10.00 -24.03
N VAL A 114 -4.95 9.02 -24.50
CA VAL A 114 -4.12 8.12 -23.66
C VAL A 114 -3.28 8.94 -22.67
N TYR A 115 -2.57 9.99 -23.18
CA TYR A 115 -1.73 10.87 -22.37
C TYR A 115 -2.56 11.54 -21.26
N LEU A 116 -3.59 12.33 -21.64
CA LEU A 116 -4.48 13.04 -20.72
C LEU A 116 -5.13 12.12 -19.69
N MET A 117 -5.50 10.87 -20.09
CA MET A 117 -6.09 9.89 -19.20
C MET A 117 -5.07 9.34 -18.22
N GLN A 118 -3.84 9.04 -18.70
CA GLN A 118 -2.75 8.52 -17.88
C GLN A 118 -2.27 9.56 -16.86
N THR A 119 -2.07 10.82 -17.28
CA THR A 119 -1.61 11.92 -16.42
C THR A 119 -2.64 12.24 -15.32
N SER A 120 -3.95 12.22 -15.66
CA SER A 120 -5.04 12.46 -14.72
C SER A 120 -5.03 11.42 -13.61
N GLY A 121 -4.79 10.17 -13.98
CA GLY A 121 -4.69 9.03 -13.07
C GLY A 121 -3.50 9.18 -12.14
N GLN A 122 -2.33 9.56 -12.73
CA GLN A 122 -1.07 9.78 -12.03
C GLN A 122 -1.22 10.84 -10.92
N ARG A 123 -1.97 11.93 -11.23
CA ARG A 123 -2.24 13.05 -10.32
C ARG A 123 -3.20 12.62 -9.20
N ILE A 124 -4.18 11.76 -9.52
CA ILE A 124 -5.15 11.22 -8.56
C ILE A 124 -4.41 10.26 -7.59
N VAL A 125 -3.54 9.37 -8.15
CA VAL A 125 -2.73 8.41 -7.39
C VAL A 125 -1.78 9.17 -6.45
N ASN A 126 -1.13 10.23 -6.97
CA ASN A 126 -0.20 11.09 -6.23
C ASN A 126 -0.88 11.69 -4.99
N ARG A 127 -2.11 12.23 -5.17
CA ARG A 127 -2.91 12.81 -4.09
C ARG A 127 -3.33 11.75 -3.10
N LEU A 128 -3.63 10.53 -3.59
CA LEU A 128 -4.00 9.40 -2.74
C LEU A 128 -2.83 8.92 -1.88
N ARG A 129 -1.62 8.87 -2.46
CA ARG A 129 -0.39 8.42 -1.79
C ARG A 129 0.01 9.34 -0.64
N THR A 130 0.04 10.68 -0.89
CA THR A 130 0.38 11.68 0.14
C THR A 130 -0.67 11.71 1.23
N SER A 131 -1.96 11.56 0.86
CA SER A 131 -3.09 11.58 1.79
C SER A 131 -3.15 10.31 2.64
N LEU A 132 -2.82 9.12 2.06
CA LEU A 132 -2.83 7.86 2.79
C LEU A 132 -1.66 7.78 3.78
N PHE A 133 -0.44 8.18 3.36
CA PHE A 133 0.75 8.16 4.21
C PHE A 133 0.57 9.09 5.40
N SER A 134 -0.10 10.25 5.19
CA SER A 134 -0.41 11.22 6.23
C SER A 134 -1.33 10.60 7.28
N SER A 135 -2.37 9.86 6.83
CA SER A 135 -3.33 9.16 7.68
C SER A 135 -2.66 8.05 8.49
N ILE A 136 -1.74 7.28 7.85
CA ILE A 136 -1.01 6.17 8.46
C ILE A 136 -0.14 6.68 9.62
N LEU A 137 0.74 7.68 9.38
CA LEU A 137 1.62 8.23 10.41
C LEU A 137 0.87 8.92 11.56
N ARG A 138 -0.38 9.37 11.34
CA ARG A 138 -1.20 10.02 12.36
C ARG A 138 -1.82 9.01 13.36
N GLN A 139 -1.87 7.70 12.98
CA GLN A 139 -2.43 6.61 13.81
C GLN A 139 -1.58 6.33 15.05
N GLU A 140 -2.21 5.77 16.11
CA GLU A 140 -1.52 5.39 17.35
C GLU A 140 -0.66 4.13 17.15
N VAL A 141 0.31 3.87 18.05
CA VAL A 141 1.23 2.73 18.00
C VAL A 141 0.45 1.39 17.97
N ALA A 142 -0.63 1.26 18.77
CA ALA A 142 -1.50 0.09 18.88
C ALA A 142 -1.99 -0.41 17.51
N PHE A 143 -2.24 0.52 16.56
CA PHE A 143 -2.68 0.23 15.19
C PHE A 143 -1.60 -0.56 14.47
N PHE A 144 -0.34 -0.10 14.57
CA PHE A 144 0.84 -0.71 13.94
C PHE A 144 1.19 -2.06 14.60
N ASP A 145 0.85 -2.22 15.90
CA ASP A 145 1.08 -3.45 16.66
C ASP A 145 0.25 -4.62 16.11
N LYS A 146 -0.97 -4.31 15.59
CA LYS A 146 -1.91 -5.29 15.04
C LYS A 146 -1.84 -5.38 13.52
N THR A 147 -1.58 -4.25 12.81
CA THR A 147 -1.52 -4.17 11.34
C THR A 147 -0.08 -4.33 10.83
N ARG A 148 0.12 -5.25 9.87
CA ARG A 148 1.42 -5.55 9.25
C ARG A 148 1.90 -4.39 8.38
N THR A 149 3.22 -4.12 8.38
CA THR A 149 3.89 -3.07 7.61
C THR A 149 3.68 -3.30 6.10
N GLY A 150 3.87 -4.55 5.67
CA GLY A 150 3.73 -4.99 4.29
C GLY A 150 2.36 -4.72 3.70
N GLU A 151 1.30 -4.92 4.51
CA GLU A 151 -0.09 -4.67 4.11
C GLU A 151 -0.34 -3.17 3.91
N LEU A 152 0.29 -2.32 4.76
CA LEU A 152 0.18 -0.86 4.68
C LEU A 152 0.90 -0.34 3.43
N ILE A 153 2.07 -0.94 3.10
CA ILE A 153 2.90 -0.61 1.93
C ILE A 153 2.17 -1.03 0.65
N ASN A 154 1.58 -2.25 0.63
CA ASN A 154 0.83 -2.75 -0.52
C ASN A 154 -0.40 -1.88 -0.78
N ARG A 155 -1.07 -1.40 0.29
CA ARG A 155 -2.22 -0.52 0.20
C ARG A 155 -1.81 0.86 -0.30
N LEU A 156 -0.56 1.27 -0.02
CA LEU A 156 0.02 2.56 -0.40
C LEU A 156 0.61 2.53 -1.83
N SER A 157 1.01 1.35 -2.32
CA SER A 157 1.61 1.24 -3.66
C SER A 157 0.63 0.67 -4.70
N SER A 158 0.11 -0.56 -4.45
CA SER A 158 -0.78 -1.28 -5.37
C SER A 158 -2.19 -0.68 -5.41
N ASP A 159 -2.91 -0.67 -4.27
CA ASP A 159 -4.30 -0.21 -4.16
C ASP A 159 -4.49 1.26 -4.54
N THR A 160 -3.48 2.14 -4.31
CA THR A 160 -3.55 3.57 -4.68
C THR A 160 -3.49 3.70 -6.19
N ALA A 161 -2.57 2.93 -6.84
CA ALA A 161 -2.39 2.91 -8.29
C ALA A 161 -3.61 2.34 -9.01
N LEU A 162 -4.24 1.29 -8.43
CA LEU A 162 -5.43 0.63 -8.98
C LEU A 162 -6.65 1.56 -8.96
N LEU A 163 -6.88 2.27 -7.85
CA LEU A 163 -8.01 3.18 -7.69
C LEU A 163 -7.94 4.36 -8.67
N GLY A 164 -6.73 4.91 -8.87
CA GLY A 164 -6.50 6.01 -9.80
C GLY A 164 -6.78 5.63 -11.24
N ARG A 165 -6.37 4.40 -11.62
CA ARG A 165 -6.55 3.76 -12.92
C ARG A 165 -8.03 3.53 -13.25
N SER A 166 -8.82 3.17 -12.22
CA SER A 166 -10.23 2.84 -12.31
C SER A 166 -11.12 4.03 -12.64
N VAL A 167 -10.76 5.23 -12.17
CA VAL A 167 -11.51 6.46 -12.42
C VAL A 167 -10.98 7.18 -13.68
N THR A 168 -9.93 6.63 -14.33
CA THR A 168 -9.31 7.23 -15.50
C THR A 168 -9.15 6.22 -16.66
N GLU A 169 -8.00 5.54 -16.75
CA GLU A 169 -7.64 4.57 -17.79
C GLU A 169 -8.75 3.56 -18.04
N ASN A 170 -9.25 2.90 -16.97
CA ASN A 170 -10.33 1.92 -17.05
C ASN A 170 -11.65 2.56 -17.47
N LEU A 171 -11.98 3.75 -16.90
CA LEU A 171 -13.20 4.49 -17.20
C LEU A 171 -13.30 4.81 -18.69
N SER A 172 -12.19 5.29 -19.33
CA SER A 172 -12.15 5.59 -20.76
C SER A 172 -12.22 4.33 -21.61
N ASP A 173 -11.63 3.21 -21.12
CA ASP A 173 -11.62 1.93 -21.81
C ASP A 173 -13.03 1.36 -21.94
N GLY A 174 -13.80 1.41 -20.85
CA GLY A 174 -15.19 0.95 -20.81
C GLY A 174 -16.12 1.88 -21.55
N LEU A 175 -15.80 3.19 -21.57
CA LEU A 175 -16.57 4.21 -22.27
C LEU A 175 -16.46 4.05 -23.77
N ARG A 176 -15.22 3.87 -24.26
CA ARG A 176 -14.89 3.65 -25.66
C ARG A 176 -15.57 2.37 -26.14
N ALA A 177 -15.42 1.27 -25.37
CA ALA A 177 -15.99 -0.06 -25.62
C ALA A 177 -17.51 -0.01 -25.70
N GLY A 178 -18.13 0.71 -24.76
CA GLY A 178 -19.59 0.88 -24.71
C GLY A 178 -20.11 1.65 -25.90
N ALA A 179 -19.35 2.66 -26.36
CA ALA A 179 -19.68 3.53 -27.49
C ALA A 179 -19.52 2.79 -28.82
N GLN A 180 -18.44 2.02 -28.96
CA GLN A 180 -18.13 1.28 -30.19
C GLN A 180 -19.12 0.14 -30.42
N ALA A 181 -19.60 -0.51 -29.35
CA ALA A 181 -20.61 -1.57 -29.47
C ALA A 181 -21.92 -0.97 -30.00
N SER A 182 -22.35 0.16 -29.37
CA SER A 182 -23.55 0.90 -29.72
C SER A 182 -23.55 1.31 -31.18
N VAL A 183 -22.48 2.02 -31.64
CA VAL A 183 -22.31 2.50 -33.02
C VAL A 183 -22.19 1.30 -33.98
N GLY A 184 -21.46 0.25 -33.56
CA GLY A 184 -21.25 -0.98 -34.31
C GLY A 184 -22.53 -1.71 -34.67
N ILE A 185 -23.39 -1.99 -33.66
CA ILE A 185 -24.69 -2.66 -33.82
C ILE A 185 -25.57 -1.81 -34.74
N SER A 186 -25.58 -0.48 -34.53
CA SER A 186 -26.32 0.49 -35.33
C SER A 186 -25.86 0.47 -36.79
N MET A 187 -24.54 0.34 -37.01
CA MET A 187 -23.94 0.29 -38.34
C MET A 187 -24.17 -1.05 -39.03
N MET A 188 -24.39 -2.14 -38.27
CA MET A 188 -24.68 -3.47 -38.80
C MET A 188 -26.08 -3.49 -39.41
N PHE A 189 -27.05 -2.83 -38.72
CA PHE A 189 -28.43 -2.68 -39.16
C PHE A 189 -28.51 -1.70 -40.32
N PHE A 190 -27.64 -0.68 -40.36
CA PHE A 190 -27.60 0.27 -41.46
C PHE A 190 -27.12 -0.42 -42.74
N VAL A 191 -25.96 -1.13 -42.66
CA VAL A 191 -25.32 -1.84 -43.77
C VAL A 191 -26.27 -2.92 -44.33
N SER A 192 -26.88 -3.75 -43.46
CA SER A 192 -27.83 -4.79 -43.85
C SER A 192 -28.78 -5.13 -42.71
N PRO A 193 -30.06 -4.64 -42.75
CA PRO A 193 -31.00 -4.97 -41.66
C PRO A 193 -31.28 -6.48 -41.57
N ASN A 194 -31.33 -7.18 -42.73
CA ASN A 194 -31.57 -8.62 -42.81
C ASN A 194 -30.45 -9.42 -42.14
N LEU A 195 -29.18 -9.13 -42.49
CA LEU A 195 -28.02 -9.82 -41.90
C LEU A 195 -27.87 -9.53 -40.40
N ALA A 196 -28.12 -8.26 -39.98
CA ALA A 196 -28.04 -7.84 -38.58
C ALA A 196 -29.08 -8.57 -37.73
N THR A 197 -30.32 -8.74 -38.28
CA THR A 197 -31.43 -9.44 -37.61
C THR A 197 -31.06 -10.91 -37.41
N PHE A 198 -30.42 -11.54 -38.43
CA PHE A 198 -29.95 -12.92 -38.37
C PHE A 198 -28.91 -13.11 -37.26
N VAL A 199 -27.89 -12.22 -37.21
CA VAL A 199 -26.82 -12.26 -36.21
C VAL A 199 -27.44 -12.17 -34.80
N LEU A 200 -28.36 -11.19 -34.62
CA LEU A 200 -29.06 -10.93 -33.36
C LEU A 200 -30.08 -12.02 -32.98
N SER A 201 -30.35 -12.99 -33.89
CA SER A 201 -31.25 -14.11 -33.59
C SER A 201 -30.45 -15.37 -33.21
N VAL A 202 -29.14 -15.38 -33.55
CA VAL A 202 -28.22 -16.49 -33.32
C VAL A 202 -27.33 -16.21 -32.10
N VAL A 203 -26.70 -15.02 -32.02
CA VAL A 203 -25.77 -14.64 -30.95
C VAL A 203 -26.43 -14.76 -29.53
N PRO A 204 -27.58 -14.09 -29.18
CA PRO A 204 -28.15 -14.26 -27.82
C PRO A 204 -28.39 -15.72 -27.37
N PRO A 205 -29.07 -16.65 -28.11
CA PRO A 205 -29.20 -18.03 -27.60
C PRO A 205 -27.87 -18.69 -27.27
N VAL A 206 -26.88 -18.59 -28.20
CA VAL A 206 -25.52 -19.14 -28.07
C VAL A 206 -24.81 -18.49 -26.86
N SER A 207 -24.96 -17.16 -26.69
CA SER A 207 -24.36 -16.41 -25.58
C SER A 207 -24.92 -16.85 -24.23
N ILE A 208 -26.25 -17.11 -24.16
CA ILE A 208 -26.93 -17.58 -22.94
C ILE A 208 -26.34 -18.96 -22.56
N ILE A 209 -26.25 -19.91 -23.53
CA ILE A 209 -25.69 -21.26 -23.35
C ILE A 209 -24.23 -21.17 -22.86
N ALA A 210 -23.43 -20.28 -23.47
CA ALA A 210 -22.02 -20.08 -23.14
C ALA A 210 -21.86 -19.52 -21.73
N VAL A 211 -22.75 -18.60 -21.31
CA VAL A 211 -22.72 -17.99 -19.97
C VAL A 211 -23.06 -19.06 -18.92
N ILE A 212 -24.01 -19.97 -19.21
CA ILE A 212 -24.38 -21.10 -18.35
C ILE A 212 -23.18 -22.04 -18.20
N TYR A 213 -22.49 -22.34 -19.33
CA TYR A 213 -21.30 -23.19 -19.37
C TYR A 213 -20.17 -22.51 -18.59
N GLY A 214 -20.05 -21.18 -18.74
CA GLY A 214 -19.05 -20.36 -18.06
C GLY A 214 -19.17 -20.37 -16.55
N ARG A 215 -20.41 -20.49 -16.04
CA ARG A 215 -20.72 -20.55 -14.60
C ARG A 215 -20.34 -21.91 -14.02
N TYR A 216 -20.63 -23.01 -14.75
CA TYR A 216 -20.31 -24.38 -14.37
C TYR A 216 -18.79 -24.56 -14.36
N LEU A 217 -18.09 -23.93 -15.33
CA LEU A 217 -16.64 -23.98 -15.46
C LEU A 217 -15.97 -23.25 -14.28
N ARG A 218 -16.58 -22.15 -13.81
CA ARG A 218 -16.09 -21.35 -12.67
C ARG A 218 -16.19 -22.16 -11.38
N LYS A 219 -17.23 -23.02 -11.26
CA LYS A 219 -17.47 -23.89 -10.11
C LYS A 219 -16.34 -24.91 -9.97
N LEU A 220 -15.99 -25.60 -11.09
CA LEU A 220 -14.91 -26.61 -11.12
C LEU A 220 -13.53 -25.99 -10.87
N THR A 221 -13.37 -24.70 -11.24
CA THR A 221 -12.13 -23.95 -11.04
C THR A 221 -11.98 -23.59 -9.57
N LYS A 222 -13.09 -23.17 -8.89
CA LYS A 222 -13.08 -22.82 -7.47
C LYS A 222 -12.75 -24.05 -6.63
N VAL A 223 -13.37 -25.21 -6.94
CA VAL A 223 -13.17 -26.48 -6.25
C VAL A 223 -11.67 -26.86 -6.29
N THR A 224 -11.02 -26.72 -7.46
CA THR A 224 -9.60 -27.02 -7.66
C THR A 224 -8.71 -26.05 -6.88
N GLN A 225 -9.04 -24.74 -6.93
CA GLN A 225 -8.27 -23.69 -6.25
C GLN A 225 -8.46 -23.72 -4.72
N ASP A 226 -9.61 -24.23 -4.23
CA ASP A 226 -9.86 -24.38 -2.79
C ASP A 226 -9.05 -25.55 -2.24
N SER A 227 -8.91 -26.61 -3.06
CA SER A 227 -8.15 -27.82 -2.78
C SER A 227 -6.66 -27.52 -2.75
N LEU A 228 -6.21 -26.62 -3.65
CA LEU A 228 -4.81 -26.17 -3.77
C LEU A 228 -4.42 -25.36 -2.54
N ALA A 229 -5.37 -24.55 -2.04
CA ALA A 229 -5.22 -23.73 -0.85
C ALA A 229 -5.07 -24.60 0.39
N GLN A 230 -5.85 -25.70 0.45
CA GLN A 230 -5.85 -26.68 1.55
C GLN A 230 -4.51 -27.41 1.65
N ALA A 231 -3.96 -27.82 0.49
CA ALA A 231 -2.69 -28.53 0.40
C ALA A 231 -1.54 -27.60 0.80
N THR A 232 -1.66 -26.31 0.43
CA THR A 232 -0.69 -25.26 0.73
C THR A 232 -0.75 -24.91 2.23
N GLN A 233 -1.98 -24.87 2.82
CA GLN A 233 -2.19 -24.60 4.25
C GLN A 233 -1.52 -25.67 5.10
N LEU A 234 -1.64 -26.95 4.68
CA LEU A 234 -1.01 -28.09 5.36
C LEU A 234 0.50 -27.95 5.30
N ALA A 235 1.03 -27.64 4.09
CA ALA A 235 2.46 -27.43 3.84
C ALA A 235 3.00 -26.30 4.70
N GLU A 236 2.30 -25.14 4.72
CA GLU A 236 2.64 -23.94 5.51
C GLU A 236 2.75 -24.25 7.00
N GLU A 237 1.78 -25.04 7.52
CA GLU A 237 1.70 -25.43 8.93
C GLU A 237 2.85 -26.37 9.31
N ARG A 238 3.14 -27.39 8.48
CA ARG A 238 4.21 -28.36 8.75
C ARG A 238 5.61 -27.75 8.54
N ILE A 239 5.78 -26.88 7.51
CA ILE A 239 7.05 -26.20 7.25
C ILE A 239 7.33 -25.20 8.38
N GLY A 240 6.29 -24.47 8.79
CA GLY A 240 6.34 -23.49 9.87
C GLY A 240 6.70 -24.12 11.21
N ASN A 241 6.21 -25.35 11.44
CA ASN A 241 6.46 -26.11 12.66
C ASN A 241 7.33 -27.35 12.36
N VAL A 242 8.40 -27.16 11.57
CA VAL A 242 9.33 -28.23 11.17
C VAL A 242 10.10 -28.77 12.41
N ARG A 243 10.25 -27.93 13.46
CA ARG A 243 10.91 -28.30 14.71
C ARG A 243 10.12 -29.42 15.41
N THR A 244 8.76 -29.35 15.39
CA THR A 244 7.87 -30.36 15.99
C THR A 244 7.85 -31.61 15.11
N VAL A 245 7.78 -31.44 13.76
CA VAL A 245 7.76 -32.53 12.77
C VAL A 245 9.02 -33.40 12.94
N ARG A 246 10.20 -32.77 13.05
CA ARG A 246 11.49 -33.43 13.23
C ARG A 246 11.58 -34.15 14.59
N ALA A 247 11.11 -33.48 15.67
CA ALA A 247 11.12 -33.96 17.05
C ALA A 247 10.40 -35.31 17.22
N PHE A 248 9.37 -35.57 16.39
CA PHE A 248 8.58 -36.80 16.45
C PHE A 248 8.92 -37.77 15.31
N GLY A 249 9.85 -37.36 14.45
CA GLY A 249 10.29 -38.14 13.30
C GLY A 249 9.14 -38.41 12.34
N LYS A 250 8.39 -37.36 12.01
CA LYS A 250 7.21 -37.46 11.16
C LYS A 250 7.43 -36.80 9.80
N GLU A 251 8.69 -36.61 9.39
CA GLU A 251 9.04 -35.98 8.12
C GLU A 251 8.44 -36.78 6.96
N MET A 252 8.71 -38.11 6.89
CA MET A 252 8.17 -39.01 5.86
C MET A 252 6.65 -39.13 5.95
N THR A 253 6.09 -39.03 7.17
CA THR A 253 4.66 -39.13 7.44
C THR A 253 3.93 -37.91 6.87
N GLU A 254 4.52 -36.70 7.02
CA GLU A 254 3.93 -35.45 6.52
C GLU A 254 4.04 -35.36 5.00
N ILE A 255 5.16 -35.87 4.43
CA ILE A 255 5.42 -35.92 2.98
C ILE A 255 4.29 -36.73 2.31
N GLU A 256 3.98 -37.92 2.87
CA GLU A 256 2.93 -38.81 2.38
C GLU A 256 1.54 -38.17 2.55
N LYS A 257 1.35 -37.42 3.64
CA LYS A 257 0.10 -36.72 3.95
C LYS A 257 -0.15 -35.60 2.93
N TYR A 258 0.92 -34.84 2.58
CA TYR A 258 0.88 -33.74 1.62
C TYR A 258 0.68 -34.26 0.20
N ALA A 259 1.38 -35.37 -0.15
CA ALA A 259 1.27 -36.00 -1.47
C ALA A 259 -0.17 -36.35 -1.79
N SER A 260 -0.92 -36.87 -0.80
CA SER A 260 -2.33 -37.24 -0.93
C SER A 260 -3.22 -36.01 -1.21
N LYS A 261 -2.88 -34.84 -0.61
CA LYS A 261 -3.63 -33.60 -0.79
C LYS A 261 -3.41 -32.98 -2.18
N VAL A 262 -2.15 -33.03 -2.71
CA VAL A 262 -1.80 -32.49 -4.03
C VAL A 262 -2.20 -33.48 -5.15
N ASP A 263 -2.30 -34.80 -4.84
CA ASP A 263 -2.76 -35.82 -5.79
C ASP A 263 -4.24 -35.63 -6.04
N HIS A 264 -4.95 -35.05 -5.03
CA HIS A 264 -6.36 -34.72 -5.09
C HIS A 264 -6.56 -33.43 -5.90
N VAL A 265 -5.63 -32.45 -5.78
CA VAL A 265 -5.66 -31.20 -6.55
C VAL A 265 -5.60 -31.57 -8.03
N MET A 266 -4.62 -32.43 -8.38
CA MET A 266 -4.36 -32.96 -9.72
C MET A 266 -5.62 -33.66 -10.29
N GLN A 267 -6.33 -34.42 -9.43
CA GLN A 267 -7.55 -35.13 -9.78
C GLN A 267 -8.65 -34.13 -10.18
N LEU A 268 -8.84 -33.06 -9.38
CA LEU A 268 -9.83 -32.01 -9.62
C LEU A 268 -9.48 -31.13 -10.81
N ALA A 269 -8.17 -30.90 -11.02
CA ALA A 269 -7.62 -30.08 -12.11
C ALA A 269 -7.83 -30.75 -13.46
N ARG A 270 -7.76 -32.10 -13.51
CA ARG A 270 -7.99 -32.91 -14.71
C ARG A 270 -9.47 -32.79 -15.15
N LYS A 271 -10.40 -32.79 -14.17
CA LYS A 271 -11.84 -32.66 -14.40
C LYS A 271 -12.16 -31.26 -14.93
N GLU A 272 -11.50 -30.23 -14.36
CA GLU A 272 -11.61 -28.82 -14.75
C GLU A 272 -11.06 -28.63 -16.17
N ALA A 273 -9.96 -29.37 -16.50
CA ALA A 273 -9.29 -29.33 -17.80
C ALA A 273 -10.16 -29.91 -18.91
N PHE A 274 -10.97 -30.93 -18.57
CA PHE A 274 -11.87 -31.59 -19.51
C PHE A 274 -13.04 -30.67 -19.83
N ALA A 275 -13.60 -29.98 -18.81
CA ALA A 275 -14.73 -29.06 -19.00
C ALA A 275 -14.30 -27.81 -19.77
N ARG A 276 -13.05 -27.35 -19.55
CA ARG A 276 -12.47 -26.18 -20.23
C ARG A 276 -12.21 -26.48 -21.72
N ALA A 277 -11.77 -27.72 -22.03
CA ALA A 277 -11.48 -28.18 -23.40
C ALA A 277 -12.77 -28.28 -24.22
N GLY A 278 -13.83 -28.79 -23.59
CA GLY A 278 -15.15 -28.93 -24.20
C GLY A 278 -15.82 -27.60 -24.46
N PHE A 279 -15.54 -26.60 -23.59
CA PHE A 279 -16.09 -25.26 -23.69
C PHE A 279 -15.40 -24.48 -24.81
N PHE A 280 -14.04 -24.45 -24.81
CA PHE A 280 -13.20 -23.76 -25.79
C PHE A 280 -13.44 -24.28 -27.19
N GLY A 281 -13.67 -25.59 -27.32
CA GLY A 281 -13.99 -26.24 -28.58
C GLY A 281 -15.32 -25.78 -29.13
N ALA A 282 -16.35 -25.75 -28.25
CA ALA A 282 -17.71 -25.30 -28.58
C ALA A 282 -17.76 -23.82 -28.93
N THR A 283 -17.02 -22.98 -28.16
CA THR A 283 -16.92 -21.54 -28.34
C THR A 283 -16.21 -21.23 -29.65
N GLY A 284 -15.07 -21.90 -29.91
CA GLY A 284 -14.27 -21.73 -31.12
C GLY A 284 -15.04 -22.06 -32.39
N LEU A 285 -15.72 -23.22 -32.38
CA LEU A 285 -16.55 -23.71 -33.47
C LEU A 285 -17.68 -22.72 -33.77
N SER A 286 -18.37 -22.21 -32.72
CA SER A 286 -19.45 -21.25 -32.82
C SER A 286 -18.98 -19.99 -33.56
N GLY A 287 -17.83 -19.45 -33.13
CA GLY A 287 -17.20 -18.27 -33.74
C GLY A 287 -16.97 -18.42 -35.24
N ASN A 288 -16.42 -19.58 -35.64
CA ASN A 288 -16.12 -19.90 -37.03
C ASN A 288 -17.40 -20.12 -37.87
N LEU A 289 -18.36 -20.90 -37.33
CA LEU A 289 -19.60 -21.22 -38.03
C LEU A 289 -20.53 -20.02 -38.16
N ILE A 290 -20.46 -19.06 -37.23
CA ILE A 290 -21.29 -17.86 -37.28
C ILE A 290 -20.81 -16.97 -38.46
N VAL A 291 -19.48 -16.78 -38.60
CA VAL A 291 -18.87 -16.01 -39.70
C VAL A 291 -19.22 -16.67 -41.04
N LEU A 292 -19.19 -18.02 -41.09
CA LEU A 292 -19.50 -18.84 -42.26
C LEU A 292 -20.97 -18.68 -42.67
N SER A 293 -21.86 -18.52 -41.66
CA SER A 293 -23.30 -18.30 -41.85
C SER A 293 -23.57 -16.94 -42.44
N VAL A 294 -22.88 -15.88 -41.92
CA VAL A 294 -22.99 -14.50 -42.37
C VAL A 294 -22.52 -14.37 -43.83
N LEU A 295 -21.44 -15.09 -44.21
CA LEU A 295 -20.95 -15.09 -45.59
C LEU A 295 -21.98 -15.75 -46.50
N TYR A 296 -22.56 -16.88 -46.05
CA TYR A 296 -23.55 -17.66 -46.79
C TYR A 296 -24.86 -16.86 -46.95
N LYS A 297 -25.51 -16.47 -45.81
CA LYS A 297 -26.77 -15.72 -45.76
C LYS A 297 -26.64 -14.44 -46.59
N GLY A 298 -25.59 -13.67 -46.33
CA GLY A 298 -25.27 -12.42 -47.01
C GLY A 298 -25.02 -12.58 -48.50
N GLY A 299 -24.31 -13.65 -48.84
CA GLY A 299 -23.98 -13.98 -50.22
C GLY A 299 -25.19 -14.30 -51.06
N LEU A 300 -26.19 -14.95 -50.45
CA LEU A 300 -27.41 -15.38 -51.13
C LEU A 300 -28.52 -14.31 -51.12
N LEU A 301 -28.27 -13.15 -50.47
CA LEU A 301 -29.24 -12.05 -50.44
C LEU A 301 -29.44 -11.45 -51.85
N MET A 302 -30.67 -11.57 -52.35
CA MET A 302 -31.13 -11.10 -53.67
C MET A 302 -32.32 -10.18 -53.47
N GLY A 303 -32.47 -9.09 -54.22
CA GLY A 303 -31.54 -8.52 -55.19
C GLY A 303 -31.42 -7.03 -54.95
N SER A 304 -32.37 -6.48 -54.18
CA SER A 304 -32.42 -5.09 -53.74
C SER A 304 -31.82 -5.00 -52.34
N ALA A 305 -31.96 -6.11 -51.58
CA ALA A 305 -31.37 -6.30 -50.25
C ALA A 305 -29.99 -6.94 -50.40
N HIS A 306 -29.54 -7.09 -51.67
CA HIS A 306 -28.24 -7.64 -52.09
C HIS A 306 -27.11 -6.83 -51.52
N MET A 307 -26.03 -7.52 -51.16
CA MET A 307 -24.85 -6.86 -50.61
C MET A 307 -23.66 -7.03 -51.51
N THR A 308 -23.01 -5.90 -51.82
CA THR A 308 -21.77 -5.87 -52.61
C THR A 308 -20.65 -6.40 -51.74
N VAL A 309 -19.51 -6.78 -52.34
CA VAL A 309 -18.40 -7.36 -51.58
C VAL A 309 -17.87 -6.35 -50.53
N GLY A 310 -17.91 -5.06 -50.84
CA GLY A 310 -17.51 -3.98 -49.94
C GLY A 310 -18.48 -3.85 -48.79
N GLU A 311 -19.80 -3.94 -49.08
CA GLU A 311 -20.88 -3.89 -48.09
C GLU A 311 -20.73 -5.03 -47.09
N LEU A 312 -20.40 -6.25 -47.59
CA LEU A 312 -20.17 -7.42 -46.76
C LEU A 312 -18.92 -7.23 -45.90
N SER A 313 -17.89 -6.53 -46.43
CA SER A 313 -16.68 -6.24 -45.68
C SER A 313 -16.98 -5.27 -44.55
N SER A 314 -17.85 -4.24 -44.77
CA SER A 314 -18.30 -3.27 -43.75
C SER A 314 -18.96 -4.03 -42.61
N PHE A 315 -19.99 -4.84 -42.93
CA PHE A 315 -20.76 -5.64 -41.99
C PHE A 315 -19.85 -6.53 -41.14
N LEU A 316 -18.96 -7.33 -41.78
CA LEU A 316 -18.04 -8.20 -41.06
C LEU A 316 -17.11 -7.42 -40.12
N MET A 317 -16.54 -6.28 -40.59
CA MET A 317 -15.68 -5.41 -39.79
C MET A 317 -16.44 -4.84 -38.58
N TYR A 318 -17.70 -4.40 -38.78
CA TYR A 318 -18.55 -3.86 -37.71
C TYR A 318 -18.93 -4.96 -36.73
N ALA A 319 -19.20 -6.20 -37.22
CA ALA A 319 -19.52 -7.35 -36.40
C ALA A 319 -18.32 -7.76 -35.54
N PHE A 320 -17.11 -7.63 -36.10
CA PHE A 320 -15.88 -7.93 -35.39
C PHE A 320 -15.59 -6.84 -34.36
N TRP A 321 -16.03 -5.59 -34.64
CA TRP A 321 -15.85 -4.48 -33.70
C TRP A 321 -16.78 -4.60 -32.52
N VAL A 322 -18.01 -5.13 -32.72
CA VAL A 322 -18.98 -5.36 -31.64
C VAL A 322 -18.44 -6.47 -30.73
N GLY A 323 -17.93 -7.54 -31.34
CA GLY A 323 -17.33 -8.68 -30.65
C GLY A 323 -16.21 -8.27 -29.72
N ILE A 324 -15.30 -7.41 -30.20
CA ILE A 324 -14.18 -6.86 -29.43
C ILE A 324 -14.71 -5.96 -28.31
N SER A 325 -15.69 -5.11 -28.63
CA SER A 325 -16.32 -4.17 -27.70
C SER A 325 -17.07 -4.86 -26.56
N ILE A 326 -17.65 -6.06 -26.82
CA ILE A 326 -18.37 -6.85 -25.81
C ILE A 326 -17.34 -7.36 -24.77
N GLY A 327 -16.18 -7.83 -25.27
CA GLY A 327 -15.07 -8.31 -24.45
C GLY A 327 -14.41 -7.18 -23.67
N GLY A 328 -14.47 -5.97 -24.24
CA GLY A 328 -13.94 -4.75 -23.66
C GLY A 328 -14.75 -4.31 -22.45
N LEU A 329 -16.09 -4.40 -22.55
CA LEU A 329 -17.02 -4.06 -21.48
C LEU A 329 -16.91 -5.06 -20.34
N SER A 330 -16.66 -6.34 -20.69
CA SER A 330 -16.48 -7.45 -19.76
C SER A 330 -15.25 -7.21 -18.89
N SER A 331 -14.11 -6.86 -19.53
CA SER A 331 -12.84 -6.55 -18.87
C SER A 331 -12.93 -5.28 -18.03
N PHE A 332 -13.74 -4.29 -18.48
CA PHE A 332 -13.98 -3.03 -17.79
C PHE A 332 -14.68 -3.27 -16.46
N TYR A 333 -15.70 -4.15 -16.43
CA TYR A 333 -16.43 -4.49 -15.23
C TYR A 333 -15.49 -5.19 -14.22
N SER A 334 -14.66 -6.13 -14.72
CA SER A 334 -13.64 -6.88 -13.98
C SER A 334 -12.67 -5.94 -13.24
N GLU A 335 -12.24 -4.86 -13.92
CA GLU A 335 -11.32 -3.86 -13.37
C GLU A 335 -12.05 -2.84 -12.49
N LEU A 336 -13.34 -2.56 -12.77
CA LEU A 336 -14.17 -1.64 -11.96
C LEU A 336 -14.38 -2.26 -10.58
N MET A 337 -14.62 -3.59 -10.53
CA MET A 337 -14.82 -4.34 -9.29
C MET A 337 -13.53 -4.38 -8.47
N LYS A 338 -12.37 -4.59 -9.15
CA LYS A 338 -11.03 -4.61 -8.54
C LYS A 338 -10.69 -3.24 -7.95
N GLY A 339 -11.10 -2.17 -8.64
CA GLY A 339 -10.91 -0.80 -8.21
C GLY A 339 -11.80 -0.43 -7.04
N LEU A 340 -13.02 -0.99 -6.99
CA LEU A 340 -13.95 -0.77 -5.90
C LEU A 340 -13.48 -1.50 -4.63
N GLY A 341 -12.87 -2.68 -4.83
CA GLY A 341 -12.29 -3.49 -3.77
C GLY A 341 -11.10 -2.79 -3.15
N ALA A 342 -10.30 -2.11 -4.00
CA ALA A 342 -9.15 -1.31 -3.61
C ALA A 342 -9.61 -0.03 -2.91
N GLY A 343 -10.75 0.51 -3.38
CA GLY A 343 -11.38 1.71 -2.83
C GLY A 343 -11.73 1.55 -1.36
N GLY A 344 -12.43 0.46 -1.04
CA GLY A 344 -12.83 0.11 0.31
C GLY A 344 -11.68 -0.04 1.29
N ARG A 345 -10.54 -0.59 0.82
CA ARG A 345 -9.31 -0.79 1.59
C ARG A 345 -8.64 0.55 1.95
N LEU A 346 -8.82 1.57 1.10
CA LEU A 346 -8.22 2.90 1.24
C LEU A 346 -9.10 3.85 2.04
N TRP A 347 -10.43 3.87 1.78
CA TRP A 347 -11.38 4.70 2.53
C TRP A 347 -11.43 4.26 3.99
N GLU A 348 -11.01 3.00 4.26
CA GLU A 348 -10.91 2.40 5.59
C GLU A 348 -9.84 3.10 6.42
N LEU A 349 -8.70 3.47 5.80
CA LEU A 349 -7.57 4.13 6.48
C LEU A 349 -7.63 5.66 6.37
N LEU A 350 -8.20 6.19 5.27
CA LEU A 350 -8.34 7.63 5.03
C LEU A 350 -9.35 8.26 5.97
N GLU A 351 -10.42 7.52 6.31
CA GLU A 351 -11.48 7.99 7.21
C GLU A 351 -11.28 7.46 8.65
N ARG A 352 -10.14 6.81 8.94
CA ARG A 352 -9.82 6.26 10.26
C ARG A 352 -9.39 7.36 11.24
N GLU A 353 -9.91 7.29 12.47
CA GLU A 353 -9.61 8.22 13.56
C GLU A 353 -8.73 7.54 14.61
N PRO A 354 -7.51 8.09 14.89
CA PRO A 354 -6.64 7.45 15.90
C PRO A 354 -7.27 7.44 17.29
N LYS A 355 -7.12 6.31 18.01
CA LYS A 355 -7.66 6.10 19.36
C LYS A 355 -6.96 6.98 20.41
N LEU A 356 -5.73 7.44 20.11
CA LEU A 356 -4.91 8.32 20.95
C LEU A 356 -4.67 9.64 20.19
N PRO A 357 -4.86 10.83 20.84
CA PRO A 357 -4.68 12.10 20.11
C PRO A 357 -3.30 12.26 19.44
N PHE A 358 -3.29 12.88 18.25
CA PHE A 358 -2.07 13.08 17.47
C PHE A 358 -1.37 14.39 17.88
N ASN A 359 -2.01 15.56 17.63
CA ASN A 359 -1.47 16.88 17.94
C ASN A 359 -2.50 17.71 18.73
N GLU A 360 -3.29 17.03 19.58
CA GLU A 360 -4.34 17.64 20.39
C GLU A 360 -4.00 17.63 21.89
N GLY A 361 -4.14 18.79 22.53
CA GLY A 361 -3.89 18.97 23.95
C GLY A 361 -3.35 20.34 24.31
N VAL A 362 -3.03 20.53 25.60
CA VAL A 362 -2.51 21.81 26.12
C VAL A 362 -0.99 21.76 26.35
N ILE A 363 -0.35 22.93 26.26
CA ILE A 363 1.09 23.09 26.46
C ILE A 363 1.30 23.79 27.81
N LEU A 364 2.03 23.14 28.74
CA LEU A 364 2.32 23.68 30.07
C LEU A 364 3.40 24.75 29.97
N ASN A 365 3.24 25.84 30.73
CA ASN A 365 4.16 26.98 30.78
C ASN A 365 5.55 26.57 31.28
N GLU A 366 6.58 27.38 30.94
CA GLU A 366 7.97 27.17 31.35
C GLU A 366 8.09 27.20 32.88
N LYS A 367 7.26 28.05 33.55
CA LYS A 367 7.19 28.18 35.00
C LYS A 367 6.35 27.04 35.61
N SER A 368 5.32 26.56 34.88
CA SER A 368 4.43 25.48 35.31
C SER A 368 5.11 24.10 35.21
N PHE A 369 6.02 23.94 34.22
CA PHE A 369 6.76 22.70 33.99
C PHE A 369 8.12 22.73 34.72
N GLN A 370 8.33 21.75 35.62
CA GLN A 370 9.55 21.60 36.40
C GLN A 370 10.27 20.29 36.00
N GLY A 371 9.49 19.26 35.67
CA GLY A 371 10.01 17.97 35.25
C GLY A 371 9.72 16.81 36.19
N ALA A 372 8.78 17.00 37.14
CA ALA A 372 8.40 15.97 38.10
C ALA A 372 7.32 15.07 37.52
N LEU A 373 7.58 13.76 37.46
CA LEU A 373 6.65 12.77 36.90
C LEU A 373 6.16 11.78 37.95
N GLU A 374 4.90 11.35 37.84
CA GLU A 374 4.31 10.41 38.79
C GLU A 374 3.33 9.42 38.16
N PHE A 375 3.55 8.13 38.44
CA PHE A 375 2.71 6.99 38.03
C PHE A 375 1.85 6.62 39.23
N LYS A 376 0.52 6.51 39.06
CA LYS A 376 -0.37 6.20 40.16
C LYS A 376 -1.32 5.05 39.82
N ASN A 377 -1.05 3.86 40.40
CA ASN A 377 -1.82 2.62 40.27
C ASN A 377 -2.06 2.22 38.81
N VAL A 378 -0.99 2.25 37.99
CA VAL A 378 -1.02 1.95 36.55
C VAL A 378 -1.16 0.43 36.32
N HIS A 379 -2.19 0.07 35.53
CA HIS A 379 -2.49 -1.29 35.08
C HIS A 379 -2.43 -1.31 33.56
N PHE A 380 -1.54 -2.14 32.98
CA PHE A 380 -1.39 -2.18 31.53
C PHE A 380 -0.97 -3.55 30.99
N ALA A 381 -1.54 -3.90 29.84
CA ALA A 381 -1.29 -5.09 29.03
C ALA A 381 -1.24 -4.66 27.57
N TYR A 382 -0.21 -5.08 26.81
CA TYR A 382 -0.03 -4.71 25.41
C TYR A 382 -1.24 -5.09 24.54
N PRO A 383 -1.57 -4.31 23.48
CA PRO A 383 -2.76 -4.62 22.66
C PRO A 383 -2.71 -5.97 21.94
N ALA A 384 -1.50 -6.41 21.52
CA ALA A 384 -1.27 -7.68 20.83
C ALA A 384 -1.55 -8.89 21.75
N ARG A 385 -1.12 -8.79 23.02
CA ARG A 385 -1.34 -9.82 24.06
C ARG A 385 -2.08 -9.18 25.27
N PRO A 386 -3.42 -8.91 25.15
CA PRO A 386 -4.14 -8.26 26.26
C PRO A 386 -4.33 -9.17 27.49
N GLU A 387 -4.16 -10.49 27.31
CA GLU A 387 -4.29 -11.50 28.36
C GLU A 387 -3.05 -11.52 29.28
N VAL A 388 -1.91 -11.00 28.79
CA VAL A 388 -0.64 -10.97 29.52
C VAL A 388 -0.44 -9.56 30.15
N PRO A 389 -0.66 -9.39 31.47
CA PRO A 389 -0.47 -8.07 32.10
C PRO A 389 1.02 -7.76 32.31
N ILE A 390 1.42 -6.51 32.02
CA ILE A 390 2.79 -6.03 32.14
C ILE A 390 2.94 -5.26 33.46
N PHE A 391 2.01 -4.33 33.73
CA PHE A 391 1.95 -3.53 34.95
C PHE A 391 0.67 -3.88 35.71
N GLN A 392 0.83 -4.26 36.99
CA GLN A 392 -0.27 -4.62 37.88
C GLN A 392 -0.14 -3.76 39.14
N ASP A 393 -0.79 -2.58 39.13
CA ASP A 393 -0.78 -1.56 40.20
C ASP A 393 0.65 -0.98 40.31
N PHE A 394 1.12 -0.35 39.22
CA PHE A 394 2.44 0.26 39.14
C PHE A 394 2.38 1.73 39.58
N SER A 395 3.07 2.04 40.70
CA SER A 395 3.15 3.38 41.27
C SER A 395 4.62 3.78 41.44
N LEU A 396 5.03 4.89 40.78
CA LEU A 396 6.40 5.39 40.82
C LEU A 396 6.45 6.93 40.74
N SER A 397 7.24 7.53 41.65
CA SER A 397 7.42 8.98 41.71
C SER A 397 8.86 9.34 41.31
N ILE A 398 9.02 9.96 40.13
CA ILE A 398 10.32 10.38 39.59
C ILE A 398 10.49 11.89 39.90
N PRO A 399 11.35 12.28 40.87
CA PRO A 399 11.48 13.71 41.21
C PRO A 399 12.30 14.48 40.17
N SER A 400 11.94 15.76 39.95
CA SER A 400 12.57 16.68 39.00
C SER A 400 14.06 16.90 39.30
N GLY A 401 14.89 16.64 38.28
CA GLY A 401 16.34 16.79 38.35
C GLY A 401 17.09 15.67 39.06
N SER A 402 16.37 14.62 39.49
CA SER A 402 16.96 13.48 40.19
C SER A 402 17.02 12.24 39.30
N VAL A 403 18.09 11.45 39.47
CA VAL A 403 18.33 10.23 38.71
C VAL A 403 17.65 9.05 39.44
N THR A 404 16.65 8.43 38.80
CA THR A 404 15.91 7.29 39.34
C THR A 404 16.29 6.03 38.55
N ALA A 405 16.79 5.01 39.26
CA ALA A 405 17.21 3.75 38.64
C ALA A 405 16.12 2.68 38.78
N LEU A 406 15.75 2.06 37.65
CA LEU A 406 14.73 0.99 37.61
C LEU A 406 15.41 -0.37 37.47
N VAL A 407 15.21 -1.24 38.47
CA VAL A 407 15.80 -2.58 38.54
C VAL A 407 14.72 -3.67 38.47
N GLY A 408 15.09 -4.83 37.95
CA GLY A 408 14.19 -5.97 37.82
C GLY A 408 14.72 -7.07 36.92
N PRO A 409 14.07 -8.26 36.91
CA PRO A 409 14.55 -9.36 36.02
C PRO A 409 14.25 -9.09 34.55
N SER A 410 14.88 -9.89 33.65
CA SER A 410 14.68 -9.76 32.21
C SER A 410 13.26 -10.21 31.83
N GLY A 411 12.51 -9.30 31.19
CA GLY A 411 11.14 -9.53 30.76
C GLY A 411 10.08 -9.09 31.77
N SER A 412 10.49 -8.38 32.85
CA SER A 412 9.59 -7.87 33.90
C SER A 412 8.68 -6.74 33.41
N GLY A 413 9.09 -6.04 32.34
CA GLY A 413 8.33 -4.95 31.73
C GLY A 413 8.84 -3.56 32.06
N LYS A 414 10.18 -3.41 32.18
CA LYS A 414 10.84 -2.15 32.50
C LYS A 414 10.78 -1.16 31.31
N SER A 415 10.98 -1.65 30.06
CA SER A 415 10.95 -0.83 28.85
C SER A 415 9.54 -0.27 28.55
N THR A 416 8.48 -0.93 29.06
CA THR A 416 7.08 -0.55 28.87
C THR A 416 6.80 0.80 29.58
N VAL A 417 7.57 1.13 30.64
CA VAL A 417 7.50 2.38 31.41
C VAL A 417 7.76 3.58 30.47
N LEU A 418 8.78 3.45 29.59
CA LEU A 418 9.17 4.48 28.63
C LEU A 418 8.09 4.67 27.55
N SER A 419 7.41 3.56 27.14
CA SER A 419 6.33 3.59 26.15
C SER A 419 5.11 4.35 26.68
N LEU A 420 4.77 4.16 27.97
CA LEU A 420 3.63 4.81 28.61
C LEU A 420 3.91 6.28 28.97
N LEU A 421 5.20 6.61 29.27
CA LEU A 421 5.64 7.98 29.61
C LEU A 421 5.62 8.87 28.37
N LEU A 422 6.00 8.33 27.20
CA LEU A 422 5.99 9.02 25.91
C LEU A 422 4.58 9.04 25.31
N ARG A 423 3.62 8.38 26.00
CA ARG A 423 2.21 8.25 25.67
C ARG A 423 2.01 7.58 24.29
N LEU A 424 2.71 6.44 24.08
CA LEU A 424 2.58 5.63 22.87
C LEU A 424 1.33 4.75 23.01
N TYR A 425 0.96 4.50 24.28
CA TYR A 425 -0.22 3.78 24.74
C TYR A 425 -0.77 4.46 25.98
N ASP A 426 -2.09 4.35 26.22
CA ASP A 426 -2.70 4.89 27.43
C ASP A 426 -3.01 3.72 28.38
N PRO A 427 -2.75 3.84 29.71
CA PRO A 427 -3.00 2.70 30.62
C PRO A 427 -4.48 2.32 30.73
N ALA A 428 -4.76 1.03 30.99
CA ALA A 428 -6.12 0.51 31.16
C ALA A 428 -6.75 1.06 32.44
N SER A 429 -5.91 1.25 33.47
CA SER A 429 -6.23 1.80 34.79
C SER A 429 -5.02 2.60 35.28
N GLY A 430 -5.28 3.66 36.06
CA GLY A 430 -4.23 4.50 36.60
C GLY A 430 -3.96 5.76 35.81
N THR A 431 -3.15 6.69 36.37
CA THR A 431 -2.82 7.98 35.75
C THR A 431 -1.32 8.32 35.83
N ILE A 432 -0.80 8.90 34.73
CA ILE A 432 0.58 9.39 34.61
C ILE A 432 0.50 10.92 34.58
N SER A 433 1.10 11.58 35.59
CA SER A 433 1.04 13.03 35.71
C SER A 433 2.41 13.69 35.61
N LEU A 434 2.45 14.90 35.01
CA LEU A 434 3.63 15.75 34.90
C LEU A 434 3.35 17.05 35.67
N ASP A 435 4.04 17.24 36.81
CA ASP A 435 3.93 18.39 37.73
C ASP A 435 2.47 18.57 38.21
N GLY A 436 1.82 17.45 38.50
CA GLY A 436 0.43 17.40 38.95
C GLY A 436 -0.60 17.41 37.82
N HIS A 437 -0.16 17.62 36.57
CA HIS A 437 -1.04 17.67 35.39
C HIS A 437 -1.05 16.33 34.66
N ASP A 438 -2.25 15.77 34.43
CA ASP A 438 -2.44 14.50 33.71
C ASP A 438 -1.89 14.65 32.29
N ILE A 439 -0.94 13.77 31.90
CA ILE A 439 -0.29 13.80 30.58
C ILE A 439 -1.32 13.59 29.44
N ARG A 440 -2.53 13.09 29.77
CA ARG A 440 -3.63 12.87 28.82
C ARG A 440 -4.26 14.20 28.37
N GLN A 441 -4.19 15.24 29.23
CA GLN A 441 -4.72 16.58 28.93
C GLN A 441 -3.76 17.40 28.05
N LEU A 442 -2.44 17.10 28.13
CA LEU A 442 -1.37 17.78 27.40
C LEU A 442 -1.21 17.29 25.95
N ASN A 443 -0.55 18.13 25.11
CA ASN A 443 -0.24 17.84 23.71
C ASN A 443 0.87 16.77 23.65
N PRO A 444 0.60 15.58 23.06
CA PRO A 444 1.62 14.52 23.04
C PRO A 444 2.88 14.87 22.26
N VAL A 445 2.77 15.65 21.15
CA VAL A 445 3.91 16.09 20.33
C VAL A 445 4.85 16.97 21.20
N TRP A 446 4.26 17.90 21.98
CA TRP A 446 4.97 18.79 22.89
C TRP A 446 5.57 17.99 24.06
N LEU A 447 4.78 17.07 24.67
CA LEU A 447 5.22 16.24 25.79
C LEU A 447 6.44 15.40 25.41
N ARG A 448 6.49 14.90 24.16
CA ARG A 448 7.60 14.11 23.61
C ARG A 448 8.82 14.94 23.24
N SER A 449 8.65 16.26 23.02
CA SER A 449 9.75 17.17 22.68
C SER A 449 10.60 17.46 23.92
N LYS A 450 9.99 17.31 25.12
CA LYS A 450 10.61 17.53 26.42
C LYS A 450 11.17 16.22 27.02
N ILE A 451 10.89 15.07 26.37
CA ILE A 451 11.38 13.76 26.81
C ILE A 451 12.30 13.15 25.73
N GLY A 452 13.50 12.75 26.14
CA GLY A 452 14.48 12.13 25.26
C GLY A 452 14.83 10.73 25.72
N THR A 453 15.29 9.88 24.79
CA THR A 453 15.64 8.51 25.15
C THR A 453 16.91 8.03 24.44
N VAL A 454 17.78 7.34 25.20
CA VAL A 454 19.02 6.73 24.70
C VAL A 454 18.94 5.24 25.06
N SER A 455 18.64 4.41 24.05
CA SER A 455 18.52 2.96 24.16
C SER A 455 19.89 2.28 24.15
N GLN A 456 19.92 0.97 24.47
CA GLN A 456 21.14 0.16 24.41
C GLN A 456 21.46 -0.08 22.93
N GLU A 457 20.41 -0.39 22.14
CA GLU A 457 20.46 -0.58 20.70
C GLU A 457 19.61 0.54 20.06
N PRO A 458 20.21 1.73 19.78
CA PRO A 458 19.42 2.84 19.21
C PRO A 458 19.03 2.60 17.76
N ILE A 459 17.91 3.20 17.33
CA ILE A 459 17.39 3.07 15.96
C ILE A 459 17.93 4.22 15.12
N LEU A 460 18.81 3.92 14.17
CA LEU A 460 19.39 4.91 13.27
C LEU A 460 18.94 4.64 11.83
N PHE A 461 18.42 5.69 11.16
CA PHE A 461 17.95 5.61 9.79
C PHE A 461 19.10 5.58 8.80
N SER A 462 18.86 5.05 7.59
CA SER A 462 19.88 4.92 6.53
C SER A 462 20.14 6.28 5.85
N CYS A 463 20.65 7.23 6.63
CA CYS A 463 21.02 8.59 6.23
C CYS A 463 22.45 8.84 6.68
N SER A 464 22.94 10.08 6.49
CA SER A 464 24.27 10.48 6.96
C SER A 464 24.27 10.58 8.49
N ILE A 465 25.46 10.60 9.12
CA ILE A 465 25.62 10.73 10.58
C ILE A 465 25.00 12.08 11.02
N ALA A 466 25.24 13.14 10.23
CA ALA A 466 24.72 14.49 10.44
C ALA A 466 23.19 14.55 10.40
N GLU A 467 22.55 13.85 9.42
CA GLU A 467 21.09 13.78 9.28
C GLU A 467 20.46 13.07 10.47
N ASN A 468 21.11 12.01 10.95
CA ASN A 468 20.67 11.21 12.09
C ASN A 468 20.78 12.01 13.38
N ILE A 469 21.81 12.88 13.50
CA ILE A 469 22.02 13.75 14.66
C ILE A 469 20.98 14.89 14.61
N ALA A 470 20.80 15.51 13.40
CA ALA A 470 19.86 16.63 13.13
C ALA A 470 18.41 16.27 13.49
N TYR A 471 18.07 14.97 13.46
CA TYR A 471 16.76 14.40 13.78
C TYR A 471 16.26 14.79 15.19
N GLY A 472 17.18 15.15 16.09
CA GLY A 472 16.87 15.58 17.44
C GLY A 472 16.16 16.92 17.49
N ALA A 473 16.62 17.88 16.67
CA ALA A 473 16.09 19.23 16.55
C ALA A 473 14.63 19.25 16.10
N ASP A 474 13.84 20.24 16.57
CA ASP A 474 12.43 20.40 16.21
C ASP A 474 12.27 20.66 14.70
N ASP A 475 13.34 21.18 14.07
CA ASP A 475 13.45 21.45 12.64
C ASP A 475 14.86 21.02 12.16
N PRO A 476 15.04 19.73 11.75
CA PRO A 476 16.38 19.26 11.32
C PRO A 476 16.96 19.99 10.09
N SER A 477 16.20 20.93 9.50
CA SER A 477 16.63 21.76 8.36
C SER A 477 17.20 23.10 8.85
N SER A 478 16.83 23.49 10.08
CA SER A 478 17.26 24.73 10.73
C SER A 478 18.65 24.62 11.36
N VAL A 479 19.03 23.41 11.86
CA VAL A 479 20.33 23.19 12.51
C VAL A 479 21.51 23.34 11.54
N THR A 480 22.51 24.13 11.97
CA THR A 480 23.75 24.44 11.24
C THR A 480 24.76 23.31 11.40
N ALA A 481 25.80 23.30 10.53
CA ALA A 481 26.90 22.32 10.56
C ALA A 481 27.72 22.46 11.84
N GLU A 482 27.84 23.71 12.34
CA GLU A 482 28.55 24.06 13.57
C GLU A 482 27.82 23.49 14.80
N GLU A 483 26.48 23.45 14.75
CA GLU A 483 25.60 22.92 15.80
C GLU A 483 25.72 21.40 15.91
N ILE A 484 25.79 20.70 14.76
CA ILE A 484 25.94 19.24 14.67
C ILE A 484 27.35 18.87 15.16
N GLN A 485 28.36 19.71 14.85
CA GLN A 485 29.75 19.51 15.27
C GLN A 485 29.90 19.69 16.79
N ARG A 486 29.18 20.69 17.37
CA ARG A 486 29.21 21.00 18.80
C ARG A 486 28.72 19.82 19.64
N VAL A 487 27.51 19.30 19.34
CA VAL A 487 26.90 18.16 20.04
C VAL A 487 27.72 16.87 19.83
N ALA A 488 28.44 16.75 18.70
CA ALA A 488 29.29 15.59 18.41
C ALA A 488 30.56 15.59 19.27
N GLU A 489 31.09 16.79 19.57
CA GLU A 489 32.28 16.98 20.42
C GLU A 489 31.95 16.61 21.86
N VAL A 490 30.76 17.04 22.36
CA VAL A 490 30.25 16.78 23.70
C VAL A 490 29.94 15.28 23.88
N ALA A 491 29.44 14.63 22.81
CA ALA A 491 29.09 13.21 22.84
C ALA A 491 30.30 12.28 22.57
N ASN A 492 31.54 12.86 22.46
CA ASN A 492 32.82 12.17 22.17
C ASN A 492 32.77 11.37 20.86
N ALA A 493 31.89 11.80 19.94
CA ALA A 493 31.65 11.14 18.67
C ALA A 493 32.42 11.75 17.52
N VAL A 494 32.79 13.05 17.61
CA VAL A 494 33.53 13.84 16.59
C VAL A 494 34.81 13.11 16.08
N ALA A 495 35.55 12.42 16.98
CA ALA A 495 36.80 11.69 16.71
C ALA A 495 36.61 10.58 15.66
N PHE A 496 35.72 9.58 15.94
CA PHE A 496 35.48 8.48 15.01
C PHE A 496 34.76 8.94 13.75
N ILE A 497 33.85 9.94 13.87
CA ILE A 497 33.09 10.51 12.75
C ILE A 497 34.07 11.11 11.74
N ARG A 498 35.01 11.98 12.22
CA ARG A 498 36.03 12.62 11.37
C ARG A 498 36.97 11.58 10.75
N ASN A 499 37.22 10.48 11.49
CA ASN A 499 38.08 9.38 11.05
C ASN A 499 37.40 8.52 9.96
N PHE A 500 36.09 8.72 9.71
CA PHE A 500 35.37 8.03 8.64
C PHE A 500 35.71 8.71 7.30
N PRO A 501 35.73 7.97 6.17
CA PRO A 501 36.12 8.59 4.89
C PRO A 501 35.28 9.80 4.50
N GLN A 502 33.96 9.75 4.74
CA GLN A 502 33.06 10.83 4.34
C GLN A 502 32.67 11.74 5.52
N GLY A 503 33.26 11.51 6.69
CA GLY A 503 33.02 12.31 7.88
C GLY A 503 31.60 12.22 8.40
N PHE A 504 30.92 13.38 8.50
CA PHE A 504 29.53 13.46 8.96
C PHE A 504 28.56 13.01 7.88
N ASN A 505 29.02 12.99 6.61
CA ASN A 505 28.23 12.56 5.46
C ASN A 505 28.34 11.03 5.25
N THR A 506 28.87 10.30 6.25
CA THR A 506 29.00 8.84 6.21
C THR A 506 27.62 8.25 6.47
N VAL A 507 27.11 7.47 5.51
CA VAL A 507 25.77 6.86 5.58
C VAL A 507 25.79 5.68 6.56
N VAL A 508 24.96 5.78 7.60
CA VAL A 508 24.83 4.76 8.65
C VAL A 508 23.49 3.99 8.45
N GLY A 509 22.98 3.38 9.52
CA GLY A 509 21.73 2.61 9.48
C GLY A 509 21.93 1.18 9.01
N GLU A 510 20.85 0.55 8.51
CA GLU A 510 20.85 -0.82 8.02
C GLU A 510 21.59 -0.93 6.69
N LYS A 511 21.25 -0.06 5.72
CA LYS A 511 21.83 -0.03 4.38
C LYS A 511 23.11 0.83 4.32
N GLY A 512 23.78 0.98 5.46
CA GLY A 512 25.01 1.76 5.58
C GLY A 512 26.17 1.09 6.28
N VAL A 513 27.12 1.91 6.75
CA VAL A 513 28.36 1.53 7.44
C VAL A 513 28.03 0.93 8.82
N LEU A 514 28.59 -0.28 9.09
CA LEU A 514 28.41 -1.00 10.35
C LEU A 514 29.16 -0.30 11.47
N LEU A 515 28.44 0.05 12.54
CA LEU A 515 28.99 0.73 13.72
C LEU A 515 28.93 -0.14 14.96
N SER A 516 29.86 0.10 15.90
CA SER A 516 29.90 -0.60 17.18
C SER A 516 28.81 -0.02 18.10
N GLY A 517 28.48 -0.76 19.16
CA GLY A 517 27.48 -0.36 20.15
C GLY A 517 27.76 0.99 20.76
N GLY A 518 29.03 1.24 21.07
CA GLY A 518 29.52 2.49 21.62
C GLY A 518 29.39 3.67 20.69
N GLN A 519 29.68 3.45 19.38
CA GLN A 519 29.60 4.45 18.32
C GLN A 519 28.14 4.87 18.10
N LYS A 520 27.24 3.86 17.99
CA LYS A 520 25.79 4.04 17.81
C LYS A 520 25.19 4.82 18.98
N GLN A 521 25.63 4.50 20.22
CA GLN A 521 25.16 5.14 21.46
C GLN A 521 25.60 6.61 21.53
N ARG A 522 26.82 6.93 21.06
CA ARG A 522 27.35 8.30 21.06
C ARG A 522 26.65 9.17 20.02
N ILE A 523 26.16 8.58 18.91
CA ILE A 523 25.38 9.30 17.90
C ILE A 523 23.97 9.55 18.51
N ALA A 524 23.46 8.57 19.27
CA ALA A 524 22.17 8.65 19.96
C ALA A 524 22.22 9.71 21.08
N ILE A 525 23.40 9.91 21.71
CA ILE A 525 23.63 10.93 22.74
C ILE A 525 23.66 12.31 22.06
N ALA A 526 24.37 12.43 20.90
CA ALA A 526 24.46 13.64 20.10
C ALA A 526 23.08 14.13 19.64
N ARG A 527 22.21 13.18 19.22
CA ARG A 527 20.83 13.44 18.81
C ARG A 527 20.01 13.96 20.01
N ALA A 528 20.18 13.33 21.19
CA ALA A 528 19.51 13.69 22.43
C ALA A 528 19.97 15.05 22.96
N LEU A 529 21.28 15.34 22.82
CA LEU A 529 21.88 16.61 23.25
C LEU A 529 21.31 17.78 22.44
N LEU A 530 21.14 17.58 21.10
CA LEU A 530 20.59 18.57 20.18
C LEU A 530 19.09 18.80 20.44
N LYS A 531 18.35 17.73 20.84
CA LYS A 531 16.93 17.79 21.19
C LYS A 531 16.75 18.62 22.47
N ASN A 532 17.72 18.49 23.41
CA ASN A 532 17.79 19.14 24.72
C ASN A 532 16.50 18.87 25.54
N PRO A 533 16.25 17.62 25.97
CA PRO A 533 15.03 17.35 26.75
C PRO A 533 15.21 17.63 28.24
N LYS A 534 14.11 17.93 28.95
CA LYS A 534 14.14 18.15 30.40
C LYS A 534 14.19 16.78 31.10
N ILE A 535 13.41 15.82 30.58
CA ILE A 535 13.33 14.43 31.06
C ILE A 535 14.12 13.55 30.09
N LEU A 536 14.96 12.66 30.63
CA LEU A 536 15.77 11.73 29.85
C LEU A 536 15.53 10.31 30.36
N LEU A 537 15.36 9.35 29.43
CA LEU A 537 15.11 7.95 29.76
C LEU A 537 16.22 7.08 29.17
N LEU A 538 16.97 6.39 30.05
CA LEU A 538 18.10 5.57 29.63
C LEU A 538 17.84 4.07 29.78
N ASP A 539 18.27 3.28 28.79
CA ASP A 539 18.15 1.82 28.78
C ASP A 539 19.53 1.23 28.49
N GLU A 540 20.10 0.52 29.48
CA GLU A 540 21.42 -0.08 29.39
C GLU A 540 21.37 -1.48 28.78
N LEU A 545 29.25 -4.67 25.66
CA LEU A 545 29.99 -3.45 25.91
C LEU A 545 31.40 -3.76 26.41
N ASP A 546 32.43 -3.34 25.63
CA ASP A 546 33.83 -3.58 25.97
C ASP A 546 34.38 -2.46 26.89
N ALA A 547 35.71 -2.31 27.01
CA ALA A 547 36.35 -1.32 27.89
C ALA A 547 36.53 0.05 27.22
N GLU A 548 37.08 0.09 25.98
CA GLU A 548 37.36 1.31 25.22
C GLU A 548 36.08 2.12 24.92
N ASN A 549 35.01 1.44 24.45
CA ASN A 549 33.72 2.05 24.13
C ASN A 549 33.02 2.59 25.38
N GLU A 550 32.88 1.75 26.43
CA GLU A 550 32.17 2.06 27.68
C GLU A 550 32.74 3.26 28.46
N TYR A 551 33.98 3.73 28.18
CA TYR A 551 34.51 4.90 28.88
C TYR A 551 33.99 6.19 28.24
N LEU A 552 34.19 6.33 26.92
CA LEU A 552 33.79 7.51 26.15
C LEU A 552 32.28 7.65 26.08
N VAL A 553 31.53 6.52 26.21
CA VAL A 553 30.08 6.48 26.21
C VAL A 553 29.58 6.96 27.57
N GLN A 554 30.18 6.45 28.68
CA GLN A 554 29.78 6.85 30.02
C GLN A 554 30.17 8.31 30.30
N GLU A 555 31.27 8.81 29.70
CA GLU A 555 31.71 10.21 29.84
C GLU A 555 30.70 11.14 29.16
N ALA A 556 30.20 10.73 27.98
CA ALA A 556 29.19 11.46 27.21
C ALA A 556 27.82 11.36 27.90
N LEU A 557 27.50 10.20 28.50
CA LEU A 557 26.25 9.97 29.24
C LEU A 557 26.18 10.84 30.48
N ASP A 558 27.34 11.13 31.10
CA ASP A 558 27.44 11.99 32.28
C ASP A 558 27.08 13.42 31.91
N ARG A 559 27.62 13.94 30.79
CA ARG A 559 27.35 15.29 30.26
C ARG A 559 25.87 15.43 29.89
N LEU A 560 25.29 14.35 29.35
CA LEU A 560 23.90 14.25 28.94
C LEU A 560 22.95 14.19 30.14
N MET A 561 23.28 13.40 31.17
CA MET A 561 22.45 13.21 32.36
C MET A 561 22.31 14.48 33.21
N ASP A 562 23.40 15.27 33.35
CA ASP A 562 23.46 16.47 34.18
C ASP A 562 22.35 17.49 33.89
N GLY A 563 21.72 17.95 34.98
CA GLY A 563 20.63 18.93 34.96
C GLY A 563 19.35 18.45 34.32
N ARG A 564 19.10 17.13 34.33
CA ARG A 564 17.92 16.53 33.72
C ARG A 564 17.30 15.48 34.61
N THR A 565 15.97 15.29 34.50
CA THR A 565 15.23 14.26 35.24
C THR A 565 15.56 12.95 34.53
N VAL A 566 16.36 12.09 35.16
CA VAL A 566 16.80 10.83 34.53
C VAL A 566 16.12 9.62 35.18
N LEU A 567 15.61 8.72 34.33
CA LEU A 567 15.02 7.44 34.72
C LEU A 567 15.76 6.38 33.92
N VAL A 568 16.70 5.68 34.59
CA VAL A 568 17.58 4.70 33.96
C VAL A 568 17.20 3.26 34.33
N ILE A 569 17.07 2.40 33.31
CA ILE A 569 16.85 0.96 33.48
C ILE A 569 18.25 0.37 33.43
N ALA A 570 18.73 -0.10 34.58
CA ALA A 570 20.11 -0.55 34.72
C ALA A 570 20.29 -2.07 34.84
N HIS A 571 21.48 -2.52 34.39
CA HIS A 571 22.01 -3.87 34.44
C HIS A 571 23.40 -3.80 35.09
N HIS A 572 23.95 -2.57 35.22
CA HIS A 572 25.25 -2.25 35.81
C HIS A 572 25.08 -1.66 37.22
N LEU A 573 25.78 -2.23 38.21
CA LEU A 573 25.75 -1.82 39.62
C LEU A 573 26.40 -0.45 39.87
N SER A 574 27.19 0.06 38.89
CA SER A 574 27.89 1.35 38.97
C SER A 574 26.94 2.55 38.95
N THR A 575 25.87 2.47 38.14
CA THR A 575 24.89 3.54 37.98
C THR A 575 23.81 3.50 39.08
N ILE A 576 23.51 2.31 39.64
CA ILE A 576 22.54 2.13 40.74
C ILE A 576 23.13 2.75 42.01
N LYS A 577 24.45 2.53 42.24
CA LYS A 577 25.21 3.02 43.38
C LYS A 577 25.16 4.56 43.53
N ASN A 578 25.37 5.31 42.43
CA ASN A 578 25.37 6.77 42.46
C ASN A 578 23.99 7.39 42.09
N ALA A 579 22.95 6.55 41.84
CA ALA A 579 21.60 7.03 41.53
C ALA A 579 20.93 7.59 42.78
N ASN A 580 20.12 8.66 42.64
CA ASN A 580 19.42 9.31 43.74
C ASN A 580 18.45 8.36 44.48
N MET A 581 17.66 7.57 43.71
CA MET A 581 16.71 6.59 44.24
C MET A 581 16.59 5.37 43.32
N VAL A 582 16.39 4.18 43.91
CA VAL A 582 16.29 2.92 43.17
C VAL A 582 14.88 2.31 43.38
N ALA A 583 14.26 1.82 42.29
CA ALA A 583 12.95 1.19 42.31
C ALA A 583 13.04 -0.21 41.71
N VAL A 584 12.53 -1.23 42.44
CA VAL A 584 12.57 -2.62 41.99
C VAL A 584 11.19 -3.04 41.45
N LEU A 585 11.17 -3.51 40.18
CA LEU A 585 9.96 -3.97 39.49
C LEU A 585 9.90 -5.50 39.51
N ASP A 586 8.91 -6.04 40.23
CA ASP A 586 8.64 -7.47 40.37
C ASP A 586 7.14 -7.71 40.32
N GLN A 587 6.70 -8.59 39.38
CA GLN A 587 5.30 -8.97 39.11
C GLN A 587 4.42 -7.73 38.78
N GLY A 588 4.96 -6.82 37.97
CA GLY A 588 4.29 -5.61 37.51
C GLY A 588 4.02 -4.54 38.55
N LYS A 589 4.80 -4.53 39.65
CA LYS A 589 4.64 -3.56 40.74
C LYS A 589 5.98 -3.16 41.34
N ILE A 590 6.06 -1.94 41.91
CA ILE A 590 7.28 -1.44 42.57
C ILE A 590 7.29 -2.10 43.97
N THR A 591 8.03 -3.23 44.08
CA THR A 591 8.13 -4.04 45.30
C THR A 591 9.06 -3.37 46.34
N GLU A 592 10.10 -2.64 45.90
CA GLU A 592 11.06 -1.95 46.77
C GLU A 592 11.36 -0.54 46.24
N TYR A 593 11.61 0.42 47.16
CA TYR A 593 11.90 1.82 46.83
C TYR A 593 12.82 2.45 47.88
N GLY A 594 13.83 3.17 47.42
CA GLY A 594 14.82 3.85 48.26
C GLY A 594 16.21 3.86 47.67
N LYS A 595 17.19 4.42 48.42
CA LYS A 595 18.60 4.51 48.02
C LYS A 595 19.25 3.11 47.95
N HIS A 596 20.32 2.97 47.12
CA HIS A 596 21.07 1.73 46.89
C HIS A 596 21.47 1.03 48.20
N GLU A 597 21.94 1.78 49.20
CA GLU A 597 22.33 1.27 50.51
C GLU A 597 21.08 0.87 51.32
N GLU A 598 20.01 1.69 51.27
CA GLU A 598 18.75 1.46 51.98
C GLU A 598 17.97 0.30 51.35
PG ANP B . 14.31 -7.21 28.22
O1G ANP B . 14.06 -7.82 26.90
O2G ANP B . 15.07 -5.81 28.25
O3G ANP B . 15.41 -8.02 29.05
PB ANP B . 12.05 -5.70 29.62
O1B ANP B . 12.09 -5.37 31.05
O2B ANP B . 12.52 -4.53 28.67
N3B ANP B . 12.96 -7.02 29.17
PA ANP B . 9.42 -5.37 28.04
O1A ANP B . 9.06 -3.94 28.23
O2A ANP B . 9.95 -5.77 26.67
O3A ANP B . 10.61 -5.82 28.98
O5' ANP B . 8.14 -6.34 28.21
C5' ANP B . 8.23 -7.71 28.65
C4' ANP B . 7.73 -8.63 27.56
O4' ANP B . 6.60 -8.05 26.89
C3' ANP B . 8.72 -8.92 26.43
O3' ANP B . 9.64 -9.95 26.79
C2' ANP B . 7.80 -9.33 25.28
O2' ANP B . 7.53 -10.74 25.24
C1' ANP B . 6.52 -8.53 25.56
N9 ANP B . 6.28 -7.40 24.66
C8 ANP B . 7.10 -6.33 24.43
N7 ANP B . 6.64 -5.48 23.54
C5 ANP B . 5.42 -6.04 23.15
C6 ANP B . 4.45 -5.63 22.23
N6 ANP B . 4.54 -4.52 21.49
N1 ANP B . 3.35 -6.42 22.08
C2 ANP B . 3.26 -7.53 22.81
N3 ANP B . 4.12 -8.02 23.71
C4 ANP B . 5.19 -7.22 23.83
C1B LMT C . -33.53 -18.32 -48.94
C2B LMT C . -33.22 -17.79 -50.34
C3B LMT C . -32.24 -16.63 -50.26
C4B LMT C . -32.78 -15.54 -49.35
C5B LMT C . -33.08 -16.13 -47.97
C6B LMT C . -33.72 -15.16 -47.00
O1B LMT C . -32.46 -19.13 -48.49
O2B LMT C . -32.67 -18.83 -51.15
O3B LMT C . -31.96 -16.10 -51.55
O4' LMT C . -31.82 -14.50 -49.23
O5B LMT C . -33.95 -17.27 -48.07
O6B LMT C . -35.08 -14.89 -47.33
C1' LMT C . -30.87 -20.78 -45.00
C2' LMT C . -32.39 -20.73 -45.08
C3' LMT C . -32.86 -20.47 -46.50
C4' LMT C . -32.16 -19.25 -47.08
C5' LMT C . -30.64 -19.34 -46.91
C6' LMT C . -29.89 -18.09 -47.32
O1' LMT C . -30.49 -20.94 -43.66
O2' LMT C . -32.94 -21.96 -44.60
O3' LMT C . -34.27 -20.29 -46.51
O5' LMT C . -30.31 -19.59 -45.53
O6' LMT C . -30.21 -16.97 -46.51
C1 LMT C . -29.27 -21.65 -43.46
C2 LMT C . -28.64 -21.17 -42.17
CAA Y01 D . 3.26 10.89 -37.82
CBA Y01 D . 3.24 9.86 -36.72
CAB Y01 D . 4.59 9.18 -36.59
CAN Y01 D . 2.68 10.33 -35.37
CAJ Y01 D . 1.18 10.69 -35.36
CAO Y01 D . 0.64 11.10 -33.99
CBB Y01 D . 1.06 12.48 -33.45
CAC Y01 D . 0.39 13.59 -34.26
CBE Y01 D . 0.80 12.57 -31.93
CAP Y01 D . 1.45 11.40 -31.16
CAQ Y01 D . 1.72 11.90 -29.73
CBG Y01 D . 0.98 13.25 -29.66
CBI Y01 D . 1.16 13.83 -31.08
CAE Y01 D . 2.60 14.31 -31.37
CAU Y01 D . 0.18 15.02 -31.18
CAS Y01 D . 0.37 16.06 -30.07
CBF Y01 D . 0.36 15.48 -28.64
CBD Y01 D . 1.26 14.22 -28.50
CAK Y01 D . 0.98 13.54 -27.15
CAI Y01 D . 0.90 14.52 -26.02
CAZ Y01 D . 0.76 15.84 -26.16
CAV Y01 D . 0.70 16.74 -24.94
CBH Y01 D . 0.65 16.54 -27.52
CAD Y01 D . 1.98 17.29 -27.80
CAT Y01 D . -0.52 17.54 -27.48
CAR Y01 D . -0.52 18.47 -26.27
CBC Y01 D . -0.49 17.69 -24.97
OAW Y01 D . -0.26 18.65 -23.89
CAY Y01 D . -1.20 18.82 -22.93
OAG Y01 D . -2.23 18.21 -22.89
CAM Y01 D . -0.79 19.88 -21.95
CAL Y01 D . -0.75 19.40 -20.51
CAX Y01 D . 0.37 18.44 -20.19
OAH Y01 D . 0.27 17.94 -18.98
OAF Y01 D . 1.27 18.15 -20.96
#